data_6ZPM
#
_entry.id   6ZPM
#
_cell.length_a   33.620
_cell.length_b   25.310
_cell.length_c   136.880
_cell.angle_alpha   90.000
_cell.angle_beta   96.810
_cell.angle_gamma   90.000
#
_symmetry.space_group_name_H-M   'P 1 21 1'
#
loop_
_entity.id
_entity.type
_entity.pdbx_description
1 polymer 'Trypanosoma cruzi KKT4 117-218'
2 non-polymer THREONINE
3 water water
#
_entity_poly.entity_id   1
_entity_poly.type   'polypeptide(L)'
_entity_poly.pdbx_seq_one_letter_code
;GSSLQRYEKLVKECRRLEEELEQKTHEASDASQRVRQLERETTRLMRRVEQLVSAVEGQKQKLDETEAKHKLELAEIENR
HELEIQSKMSSHEEALRRLMDARR
;
_entity_poly.pdbx_strand_id   A,B
#
# COMPACT_ATOMS: atom_id res chain seq x y z
N SER A 2 -34.26 -13.41 66.49
CA SER A 2 -33.37 -14.42 65.86
C SER A 2 -33.92 -14.64 64.46
N SER A 3 -35.20 -14.93 64.37
CA SER A 3 -35.87 -15.01 63.06
C SER A 3 -35.55 -13.71 62.31
N LEU A 4 -35.80 -12.56 62.90
CA LEU A 4 -35.53 -11.30 62.18
C LEU A 4 -34.04 -11.19 61.83
N GLN A 5 -33.17 -11.50 62.78
CA GLN A 5 -31.74 -11.36 62.54
C GLN A 5 -31.26 -12.33 61.46
N ARG A 6 -31.82 -13.55 61.43
CA ARG A 6 -31.44 -14.50 60.40
C ARG A 6 -31.78 -13.98 59.01
N TYR A 7 -32.98 -13.42 58.85
CA TYR A 7 -33.40 -12.87 57.56
C TYR A 7 -32.55 -11.68 57.16
N GLU A 8 -32.28 -10.77 58.11
CA GLU A 8 -31.52 -9.57 57.79
C GLU A 8 -30.08 -9.90 57.39
N LYS A 9 -29.49 -10.92 58.00
CA LYS A 9 -28.15 -11.34 57.60
C LYS A 9 -28.15 -11.89 56.17
N LEU A 10 -29.16 -12.68 55.83
CA LEU A 10 -29.27 -13.18 54.46
C LEU A 10 -29.58 -12.05 53.48
N VAL A 11 -30.30 -11.01 53.92
CA VAL A 11 -30.60 -9.87 53.07
C VAL A 11 -29.32 -9.15 52.66
N LYS A 12 -28.38 -8.99 53.61
CA LYS A 12 -27.13 -8.30 53.29
C LYS A 12 -26.31 -9.09 52.29
N GLU A 13 -26.29 -10.42 52.41
CA GLU A 13 -25.63 -11.25 51.42
C GLU A 13 -26.30 -11.12 50.06
N CYS A 14 -27.63 -10.94 50.04
CA CYS A 14 -28.31 -10.84 48.75
C CYS A 14 -27.92 -9.53 48.05
N ARG A 15 -27.73 -8.50 48.84
CA ARG A 15 -27.27 -7.20 48.31
C ARG A 15 -25.85 -7.36 47.74
N ARG A 16 -24.91 -7.99 48.45
CA ARG A 16 -23.54 -8.24 48.00
C ARG A 16 -23.54 -8.99 46.68
N LEU A 17 -24.35 -10.04 46.57
CA LEU A 17 -24.43 -10.79 45.31
C LEU A 17 -25.03 -9.93 44.22
N GLU A 18 -26.10 -9.19 44.54
CA GLU A 18 -26.73 -8.32 43.54
C GLU A 18 -25.77 -7.26 43.03
N GLU A 19 -25.06 -6.60 43.95
CA GLU A 19 -24.07 -5.60 43.53
C GLU A 19 -22.95 -6.24 42.72
N GLU A 20 -22.54 -7.45 43.09
CA GLU A 20 -21.47 -8.13 42.35
C GLU A 20 -21.94 -8.52 40.95
N LEU A 21 -23.20 -8.91 40.82
CA LEU A 21 -23.73 -9.24 39.51
C LEU A 21 -23.81 -8.02 38.60
N GLU A 22 -24.12 -6.86 39.18
CA GLU A 22 -24.20 -5.64 38.39
C GLU A 22 -22.83 -5.21 37.88
N GLN A 23 -21.81 -5.33 38.73
CA GLN A 23 -20.44 -5.05 38.30
C GLN A 23 -20.04 -5.98 37.16
N LYS A 24 -20.33 -7.28 37.30
CA LYS A 24 -20.03 -8.22 36.24
C LYS A 24 -20.86 -7.95 35.00
N THR A 25 -22.11 -7.50 35.18
CA THR A 25 -22.93 -7.13 34.03
C THR A 25 -22.36 -5.93 33.30
N HIS A 26 -21.87 -4.95 34.04
CA HIS A 26 -21.23 -3.78 33.42
C HIS A 26 -19.95 -4.17 32.70
N GLU A 27 -19.15 -5.05 33.31
CA GLU A 27 -17.91 -5.50 32.67
C GLU A 27 -18.21 -6.26 31.39
N ALA A 28 -19.24 -7.10 31.39
CA ALA A 28 -19.63 -7.81 30.17
C ALA A 28 -20.19 -6.85 29.14
N SER A 29 -20.86 -5.78 29.59
CA SER A 29 -21.40 -4.80 28.64
C SER A 29 -20.27 -4.02 27.96
N ASP A 30 -19.25 -3.62 28.73
CA ASP A 30 -18.10 -2.94 28.14
C ASP A 30 -17.32 -3.86 27.22
N ALA A 31 -17.18 -5.14 27.59
CA ALA A 31 -16.37 -6.06 26.80
C ALA A 31 -17.01 -6.33 25.44
N SER A 32 -18.30 -6.66 25.43
CA SER A 32 -18.98 -6.97 24.17
C SER A 32 -19.09 -5.74 23.26
N GLN A 33 -19.07 -4.53 23.83
CA GLN A 33 -18.99 -3.34 22.98
C GLN A 33 -17.63 -3.21 22.34
N ARG A 34 -16.56 -3.52 23.08
CA ARG A 34 -15.22 -3.47 22.52
C ARG A 34 -15.02 -4.53 21.45
N VAL A 35 -15.65 -5.70 21.59
CA VAL A 35 -15.60 -6.70 20.54
C VAL A 35 -16.19 -6.15 19.25
N ARG A 36 -17.36 -5.51 19.35
CA ARG A 36 -18.04 -4.99 18.16
C ARG A 36 -17.20 -3.93 17.47
N GLN A 37 -16.52 -3.07 18.25
CA GLN A 37 -15.64 -2.08 17.66
C GLN A 37 -14.44 -2.73 16.99
N LEU A 38 -13.90 -3.80 17.61
CA LEU A 38 -12.77 -4.50 17.02
C LEU A 38 -13.17 -5.20 15.73
N GLU A 39 -14.37 -5.80 15.70
CA GLU A 39 -14.81 -6.49 14.50
C GLU A 39 -14.99 -5.51 13.34
N ARG A 40 -15.40 -4.29 13.65
CA ARG A 40 -15.59 -3.24 12.62
C ARG A 40 -14.21 -2.80 12.13
N GLU A 41 -13.30 -2.55 13.07
CA GLU A 41 -11.94 -2.17 12.69
C GLU A 41 -11.23 -3.28 11.94
N THR A 42 -11.51 -4.54 12.29
CA THR A 42 -10.90 -5.66 11.59
C THR A 42 -11.29 -5.70 10.12
N THR A 43 -12.58 -5.49 9.82
CA THR A 43 -13.01 -5.50 8.43
C THR A 43 -12.56 -4.24 7.70
N ARG A 44 -12.47 -3.12 8.41
CA ARG A 44 -11.96 -1.90 7.80
C ARG A 44 -10.50 -2.04 7.43
N LEU A 45 -9.69 -2.61 8.33
CA LEU A 45 -8.28 -2.83 8.02
C LEU A 45 -8.10 -3.87 6.93
N MET A 46 -8.87 -4.96 6.99
CA MET A 46 -8.81 -5.98 5.95
C MET A 46 -9.13 -5.38 4.59
N ARG A 47 -10.13 -4.50 4.53
CA ARG A 47 -10.49 -3.87 3.26
C ARG A 47 -9.34 -3.01 2.73
N ARG A 48 -8.59 -2.35 3.63
CA ARG A 48 -7.48 -1.53 3.18
C ARG A 48 -6.30 -2.37 2.71
N VAL A 49 -6.07 -3.52 3.35
CA VAL A 49 -5.01 -4.42 2.90
C VAL A 49 -5.26 -4.86 1.47
N GLU A 50 -6.50 -5.24 1.16
CA GLU A 50 -6.85 -5.67 -0.19
C GLU A 50 -6.69 -4.52 -1.19
N GLN A 51 -7.02 -3.29 -0.76
CA GLN A 51 -6.83 -2.13 -1.62
C GLN A 51 -5.35 -1.92 -1.94
N LEU A 52 -4.52 -1.86 -0.89
CA LEU A 52 -3.11 -1.57 -1.10
C LEU A 52 -2.43 -2.66 -1.90
N VAL A 53 -2.83 -3.92 -1.72
CA VAL A 53 -2.26 -4.99 -2.53
C VAL A 53 -2.63 -4.80 -4.00
N SER A 54 -3.88 -4.41 -4.27
CA SER A 54 -4.29 -4.13 -5.65
C SER A 54 -3.53 -2.94 -6.22
N ALA A 55 -3.30 -1.91 -5.41
CA ALA A 55 -2.53 -0.76 -5.87
C ALA A 55 -1.11 -1.16 -6.20
N VAL A 56 -0.53 -2.08 -5.43
CA VAL A 56 0.83 -2.52 -5.69
C VAL A 56 0.92 -3.21 -7.04
N GLU A 57 -0.01 -4.16 -7.30
CA GLU A 57 0.00 -4.87 -8.57
C GLU A 57 -0.28 -3.95 -9.74
N GLY A 58 -1.07 -2.90 -9.52
CA GLY A 58 -1.30 -1.93 -10.58
C GLY A 58 -0.06 -1.12 -10.90
N GLN A 59 0.70 -0.74 -9.88
CA GLN A 59 1.93 0.02 -10.11
C GLN A 59 3.01 -0.84 -10.75
N LYS A 60 3.05 -2.14 -10.44
CA LYS A 60 4.06 -3.00 -11.04
C LYS A 60 3.80 -3.19 -12.53
N GLN A 61 2.53 -3.30 -12.92
CA GLN A 61 2.21 -3.42 -14.34
C GLN A 61 2.50 -2.13 -15.09
N LYS A 62 2.21 -0.98 -14.48
CA LYS A 62 2.52 0.30 -15.08
C LYS A 62 4.03 0.46 -15.29
N LEU A 63 4.82 -0.02 -14.34
CA LEU A 63 6.27 0.08 -14.45
C LEU A 63 6.80 -0.75 -15.61
N ASP A 64 6.31 -1.99 -15.76
CA ASP A 64 6.78 -2.85 -16.83
C ASP A 64 6.40 -2.31 -18.20
N GLU A 65 5.21 -1.73 -18.31
CA GLU A 65 4.78 -1.14 -19.58
C GLU A 65 5.52 0.15 -19.89
N THR A 66 5.86 0.92 -18.85
CA THR A 66 6.67 2.12 -19.06
C THR A 66 8.06 1.75 -19.57
N GLU A 67 8.66 0.72 -18.98
CA GLU A 67 9.94 0.22 -19.48
C GLU A 67 9.82 -0.24 -20.93
N ALA A 68 8.73 -0.94 -21.26
CA ALA A 68 8.52 -1.36 -22.64
C ALA A 68 8.40 -0.16 -23.57
N LYS A 69 7.66 0.87 -23.15
CA LYS A 69 7.50 2.06 -23.97
C LYS A 69 8.82 2.80 -24.14
N HIS A 70 9.63 2.87 -23.09
CA HIS A 70 10.93 3.51 -23.20
C HIS A 70 11.80 2.78 -24.23
N LYS A 71 11.76 1.45 -24.23
CA LYS A 71 12.58 0.67 -25.15
C LYS A 71 12.16 0.89 -26.59
N LEU A 72 10.86 1.10 -26.84
CA LEU A 72 10.42 1.39 -28.20
C LEU A 72 10.86 2.77 -28.65
N GLU A 73 10.74 3.77 -27.75
CA GLU A 73 11.15 5.13 -28.10
C GLU A 73 12.64 5.21 -28.41
N LEU A 74 13.46 4.46 -27.68
CA LEU A 74 14.90 4.43 -27.98
C LEU A 74 15.17 3.86 -29.37
N ALA A 75 14.43 2.82 -29.75
CA ALA A 75 14.63 2.23 -31.08
C ALA A 75 14.19 3.18 -32.17
N GLU A 76 13.12 3.92 -31.94
CA GLU A 76 12.67 4.89 -32.94
C GLU A 76 13.65 6.06 -33.07
N ILE A 77 14.29 6.44 -31.96
CA ILE A 77 15.31 7.49 -32.03
C ILE A 77 16.50 7.03 -32.84
N GLU A 78 16.94 5.78 -32.65
CA GLU A 78 18.04 5.24 -33.44
C GLU A 78 17.66 5.18 -34.92
N ASN A 79 16.41 4.81 -35.22
CA ASN A 79 15.95 4.77 -36.61
C ASN A 79 16.04 6.14 -37.26
N ARG A 80 15.45 7.13 -36.63
CA ARG A 80 15.49 8.48 -37.20
C ARG A 80 16.95 8.96 -37.35
N HIS A 81 17.80 8.70 -36.38
CA HIS A 81 19.18 9.13 -36.52
C HIS A 81 19.85 8.45 -37.71
N GLU A 82 19.58 7.16 -37.92
CA GLU A 82 20.10 6.48 -39.09
C GLU A 82 19.56 7.11 -40.37
N LEU A 83 18.28 7.46 -40.38
CA LEU A 83 17.70 8.18 -41.51
C LEU A 83 18.49 9.46 -41.84
N GLU A 84 18.79 10.26 -40.82
CA GLU A 84 19.44 11.54 -41.07
C GLU A 84 20.89 11.36 -41.48
N ILE A 85 21.60 10.40 -40.88
CA ILE A 85 22.97 10.10 -41.28
C ILE A 85 23.02 9.71 -42.75
N GLN A 86 22.11 8.82 -43.16
CA GLN A 86 22.07 8.39 -44.57
C GLN A 86 21.75 9.56 -45.48
N SER A 87 20.87 10.47 -45.05
CA SER A 87 20.53 11.62 -45.87
C SER A 87 21.72 12.57 -45.99
N LYS A 88 22.43 12.80 -44.89
CA LYS A 88 23.59 13.67 -44.92
C LYS A 88 24.69 13.10 -45.82
N MET A 89 25.01 11.82 -45.64
CA MET A 89 26.07 11.25 -46.44
C MET A 89 25.71 11.20 -47.91
N SER A 90 24.42 10.99 -48.23
CA SER A 90 24.00 10.97 -49.62
C SER A 90 24.04 12.37 -50.24
N SER A 91 23.68 13.40 -49.47
CA SER A 91 23.79 14.76 -49.99
C SER A 91 25.25 15.13 -50.23
N HIS A 92 26.14 14.68 -49.36
N HIS A 92 26.14 14.71 -49.34
CA HIS A 92 27.56 14.96 -49.54
CA HIS A 92 27.57 14.95 -49.55
C HIS A 92 28.12 14.22 -50.76
C HIS A 92 28.05 14.26 -50.82
N GLU A 93 27.60 13.02 -51.05
CA GLU A 93 28.04 12.29 -52.24
C GLU A 93 27.55 12.96 -53.51
N GLU A 94 26.30 13.44 -53.52
CA GLU A 94 25.83 14.20 -54.67
C GLU A 94 26.68 15.45 -54.88
N ALA A 95 26.93 16.21 -53.80
CA ALA A 95 27.77 17.40 -53.91
C ALA A 95 29.13 17.06 -54.49
N LEU A 96 29.74 15.97 -54.02
CA LEU A 96 31.01 15.50 -54.57
C LEU A 96 30.91 15.24 -56.06
N ARG A 97 29.87 14.49 -56.48
CA ARG A 97 29.76 14.11 -57.88
C ARG A 97 29.58 15.33 -58.77
N ARG A 98 28.80 16.31 -58.32
CA ARG A 98 28.58 17.50 -59.15
C ARG A 98 29.82 18.37 -59.21
N LEU A 99 30.53 18.53 -58.09
CA LEU A 99 31.71 19.38 -58.08
C LEU A 99 32.84 18.75 -58.89
N MET A 100 32.99 17.42 -58.83
CA MET A 100 33.98 16.79 -59.70
C MET A 100 33.59 16.91 -61.16
N ASP A 101 32.28 16.90 -61.48
CA ASP A 101 31.83 17.17 -62.85
C ASP A 101 32.17 18.59 -63.28
N ALA A 102 32.02 19.57 -62.38
CA ALA A 102 32.24 20.96 -62.73
C ALA A 102 33.70 21.22 -63.07
N ARG A 103 34.62 20.63 -62.32
CA ARG A 103 36.04 20.89 -62.54
C ARG A 103 36.61 20.05 -63.66
N ARG A 104 35.79 19.27 -64.36
CA ARG A 104 36.25 18.34 -65.39
C ARG A 104 36.89 19.07 -66.58
N SER B 2 -45.42 -19.30 56.15
CA SER B 2 -45.12 -17.89 56.36
C SER B 2 -43.61 -17.65 56.54
N SER B 3 -43.15 -17.65 57.79
CA SER B 3 -41.79 -17.21 58.08
C SER B 3 -40.74 -18.10 57.41
N LEU B 4 -40.92 -19.42 57.52
CA LEU B 4 -40.03 -20.34 56.83
C LEU B 4 -40.08 -20.11 55.33
N GLN B 5 -41.29 -19.91 54.77
CA GLN B 5 -41.40 -19.72 53.33
C GLN B 5 -40.73 -18.42 52.90
N ARG B 6 -40.85 -17.36 53.69
CA ARG B 6 -40.21 -16.09 53.32
C ARG B 6 -38.70 -16.24 53.27
N TYR B 7 -38.13 -16.94 54.25
CA TYR B 7 -36.69 -17.15 54.30
C TYR B 7 -36.21 -18.02 53.14
N GLU B 8 -36.91 -19.13 52.87
CA GLU B 8 -36.45 -19.98 51.78
C GLU B 8 -36.55 -19.27 50.43
N LYS B 9 -37.51 -18.35 50.28
CA LYS B 9 -37.59 -17.57 49.05
C LYS B 9 -36.38 -16.67 48.87
N LEU B 10 -35.87 -16.11 49.98
CA LEU B 10 -34.66 -15.29 49.88
C LEU B 10 -33.43 -16.15 49.65
N VAL B 11 -33.38 -17.33 50.28
CA VAL B 11 -32.29 -18.27 49.99
C VAL B 11 -32.27 -18.61 48.52
N LYS B 12 -33.45 -18.85 47.93
CA LYS B 12 -33.51 -19.21 46.51
C LYS B 12 -33.06 -18.06 45.62
N GLU B 13 -33.35 -16.82 46.01
CA GLU B 13 -32.90 -15.69 45.22
C GLU B 13 -31.38 -15.55 45.28
N CYS B 14 -30.80 -15.81 46.45
CA CYS B 14 -29.35 -15.77 46.59
C CYS B 14 -28.69 -16.80 45.69
N ARG B 15 -29.28 -18.00 45.61
CA ARG B 15 -28.75 -19.03 44.72
C ARG B 15 -28.93 -18.65 43.25
N ARG B 16 -30.05 -17.98 42.92
CA ARG B 16 -30.24 -17.52 41.54
C ARG B 16 -29.17 -16.50 41.16
N LEU B 17 -28.79 -15.64 42.10
CA LEU B 17 -27.72 -14.69 41.84
C LEU B 17 -26.38 -15.39 41.71
N GLU B 18 -26.14 -16.40 42.53
CA GLU B 18 -24.88 -17.14 42.45
C GLU B 18 -24.74 -17.86 41.11
N GLU B 19 -25.83 -18.43 40.60
CA GLU B 19 -25.74 -19.14 39.32
C GLU B 19 -25.64 -18.18 38.15
N GLU B 20 -26.31 -17.03 38.21
CA GLU B 20 -26.14 -16.03 37.15
C GLU B 20 -24.74 -15.45 37.18
N LEU B 21 -24.19 -15.22 38.37
CA LEU B 21 -22.82 -14.75 38.49
C LEU B 21 -21.84 -15.74 37.88
N GLU B 22 -22.07 -17.04 38.10
CA GLU B 22 -21.22 -18.06 37.50
C GLU B 22 -21.32 -18.03 35.98
N GLN B 23 -22.54 -17.81 35.46
CA GLN B 23 -22.72 -17.77 34.02
C GLN B 23 -22.06 -16.52 33.41
N LYS B 24 -22.26 -15.36 34.03
CA LYS B 24 -21.63 -14.15 33.52
C LYS B 24 -20.12 -14.21 33.63
N THR B 25 -19.59 -14.95 34.62
CA THR B 25 -18.15 -15.13 34.72
C THR B 25 -17.62 -15.94 33.54
N HIS B 26 -18.36 -16.97 33.12
CA HIS B 26 -17.94 -17.74 31.95
C HIS B 26 -18.04 -16.92 30.68
N GLU B 27 -19.06 -16.06 30.59
CA GLU B 27 -19.23 -15.25 29.39
C GLU B 27 -18.17 -14.15 29.31
N ALA B 28 -17.84 -13.53 30.45
CA ALA B 28 -16.77 -12.55 30.46
C ALA B 28 -15.43 -13.19 30.11
N SER B 29 -15.22 -14.43 30.53
CA SER B 29 -14.01 -15.14 30.14
C SER B 29 -13.99 -15.42 28.64
N ASP B 30 -15.14 -15.83 28.08
CA ASP B 30 -15.22 -16.03 26.64
C ASP B 30 -14.98 -14.73 25.88
N ALA B 31 -15.48 -13.60 26.41
CA ALA B 31 -15.31 -12.32 25.74
C ALA B 31 -13.85 -11.88 25.76
N SER B 32 -13.16 -12.10 26.88
CA SER B 32 -11.76 -11.72 26.97
C SER B 32 -10.90 -12.55 26.02
N GLN B 33 -11.27 -13.81 25.79
CA GLN B 33 -10.59 -14.59 24.76
C GLN B 33 -10.80 -13.99 23.38
N ARG B 34 -11.99 -13.43 23.13
CA ARG B 34 -12.32 -12.89 21.81
C ARG B 34 -11.67 -11.53 21.58
N VAL B 35 -11.63 -10.67 22.60
CA VAL B 35 -10.97 -9.38 22.47
C VAL B 35 -9.48 -9.56 22.22
N ARG B 36 -8.84 -10.43 23.01
CA ARG B 36 -7.42 -10.70 22.83
C ARG B 36 -7.14 -11.29 21.45
N GLN B 37 -8.03 -12.16 20.98
CA GLN B 37 -7.87 -12.71 19.63
C GLN B 37 -8.00 -11.62 18.57
N LEU B 38 -8.95 -10.70 18.76
CA LEU B 38 -9.15 -9.64 17.78
C LEU B 38 -8.05 -8.59 17.84
N GLU B 39 -7.53 -8.30 19.04
CA GLU B 39 -6.45 -7.34 19.16
C GLU B 39 -5.18 -7.86 18.50
N ARG B 40 -4.95 -9.18 18.55
CA ARG B 40 -3.81 -9.77 17.85
C ARG B 40 -4.00 -9.66 16.34
N GLU B 41 -5.25 -9.66 15.87
CA GLU B 41 -5.49 -9.48 14.44
C GLU B 41 -5.34 -8.02 14.04
N THR B 42 -5.92 -7.09 14.80
CA THR B 42 -5.86 -5.68 14.42
C THR B 42 -4.43 -5.17 14.37
N THR B 43 -3.62 -5.49 15.39
CA THR B 43 -2.22 -5.08 15.38
C THR B 43 -1.48 -5.68 14.19
N ARG B 44 -1.75 -6.95 13.89
CA ARG B 44 -1.14 -7.58 12.71
C ARG B 44 -1.61 -6.91 11.42
N LEU B 45 -2.88 -6.50 11.37
CA LEU B 45 -3.39 -5.78 10.21
C LEU B 45 -2.77 -4.41 10.06
N MET B 46 -2.68 -3.64 11.16
CA MET B 46 -2.12 -2.29 11.07
C MET B 46 -0.66 -2.33 10.62
N ARG B 47 0.05 -3.41 10.96
CA ARG B 47 1.44 -3.53 10.55
C ARG B 47 1.55 -3.75 9.04
N ARG B 48 0.78 -4.70 8.51
CA ARG B 48 0.86 -4.96 7.07
C ARG B 48 0.32 -3.79 6.27
N VAL B 49 -0.68 -3.08 6.77
CA VAL B 49 -1.13 -1.85 6.12
C VAL B 49 0.02 -0.85 6.05
N GLU B 50 0.74 -0.68 7.16
CA GLU B 50 1.85 0.26 7.18
C GLU B 50 2.96 -0.14 6.21
N GLN B 51 3.24 -1.45 6.12
CA GLN B 51 4.23 -1.92 5.16
C GLN B 51 3.76 -1.68 3.73
N LEU B 52 2.46 -1.88 3.48
CA LEU B 52 1.94 -1.68 2.13
C LEU B 52 1.94 -0.22 1.72
N VAL B 53 1.69 0.70 2.66
CA VAL B 53 1.74 2.12 2.34
C VAL B 53 3.16 2.52 1.97
N SER B 54 4.15 2.03 2.73
CA SER B 54 5.55 2.26 2.36
C SER B 54 5.88 1.63 1.02
N ALA B 55 5.25 0.51 0.69
CA ALA B 55 5.49 -0.13 -0.61
C ALA B 55 4.93 0.71 -1.75
N VAL B 56 3.68 1.17 -1.61
CA VAL B 56 3.07 1.98 -2.66
C VAL B 56 3.89 3.25 -2.90
N GLU B 57 4.29 3.93 -1.83
CA GLU B 57 5.11 5.12 -1.98
C GLU B 57 6.46 4.78 -2.60
N GLY B 58 6.99 3.59 -2.32
CA GLY B 58 8.25 3.18 -2.94
C GLY B 58 8.11 2.95 -4.43
N GLN B 59 7.02 2.29 -4.86
CA GLN B 59 6.80 2.09 -6.29
C GLN B 59 6.53 3.41 -6.99
N LYS B 60 5.82 4.33 -6.33
CA LYS B 60 5.56 5.64 -6.93
C LYS B 60 6.86 6.43 -7.07
N GLN B 61 7.74 6.36 -6.07
CA GLN B 61 9.05 7.00 -6.19
C GLN B 61 9.86 6.34 -7.30
N LYS B 62 9.83 5.01 -7.39
CA LYS B 62 10.60 4.31 -8.41
C LYS B 62 10.14 4.66 -9.81
N LEU B 63 8.85 4.93 -10.00
CA LEU B 63 8.39 5.33 -11.33
C LEU B 63 8.90 6.71 -11.69
N ASP B 64 8.87 7.66 -10.74
CA ASP B 64 9.44 8.98 -11.01
C ASP B 64 10.93 8.88 -11.31
N GLU B 65 11.61 7.89 -10.73
CA GLU B 65 13.04 7.73 -10.96
C GLU B 65 13.33 7.16 -12.34
N THR B 66 12.54 6.16 -12.76
CA THR B 66 12.69 5.62 -14.11
C THR B 66 12.43 6.69 -15.16
N GLU B 67 11.43 7.54 -14.94
CA GLU B 67 11.16 8.62 -15.88
C GLU B 67 12.29 9.63 -15.89
N ALA B 68 12.86 9.96 -14.73
CA ALA B 68 13.94 10.93 -14.67
C ALA B 68 15.19 10.42 -15.38
N LYS B 69 15.48 9.15 -15.21
CA LYS B 69 16.67 8.58 -15.86
C LYS B 69 16.47 8.55 -17.38
N HIS B 70 15.28 8.18 -17.82
CA HIS B 70 15.00 8.07 -19.24
C HIS B 70 15.07 9.42 -19.94
N LYS B 71 14.47 10.46 -19.34
CA LYS B 71 14.47 11.79 -19.97
C LYS B 71 15.90 12.31 -20.15
N LEU B 72 16.79 11.94 -19.22
CA LEU B 72 18.24 12.29 -19.22
C LEU B 72 18.97 11.49 -20.30
N GLU B 73 18.71 10.19 -20.41
CA GLU B 73 19.23 9.31 -21.44
C GLU B 73 18.85 9.84 -22.82
N LEU B 74 17.59 10.23 -22.98
CA LEU B 74 17.14 10.84 -24.23
C LEU B 74 17.92 12.11 -24.53
N ALA B 75 18.11 12.97 -23.54
CA ALA B 75 18.84 14.21 -23.76
C ALA B 75 20.30 13.96 -24.11
N GLU B 76 20.92 12.96 -23.46
CA GLU B 76 22.30 12.64 -23.79
C GLU B 76 22.42 12.08 -25.19
N ILE B 77 21.51 11.18 -25.57
CA ILE B 77 21.51 10.61 -26.91
C ILE B 77 21.34 11.71 -27.96
N GLU B 78 20.39 12.62 -27.73
N GLU B 78 20.40 12.62 -27.72
CA GLU B 78 20.15 13.70 -28.69
CA GLU B 78 20.15 13.70 -28.69
C GLU B 78 21.38 14.58 -28.85
C GLU B 78 21.39 14.58 -28.86
N ASN B 79 22.06 14.92 -27.75
CA ASN B 79 23.26 15.73 -27.85
C ASN B 79 24.35 15.01 -28.62
N ARG B 80 24.58 13.73 -28.33
N ARG B 80 24.56 13.72 -28.34
CA ARG B 80 25.63 12.98 -29.03
CA ARG B 80 25.62 12.96 -29.01
C ARG B 80 25.33 12.91 -30.52
C ARG B 80 25.34 12.84 -30.50
N HIS B 81 24.07 12.66 -30.88
CA HIS B 81 23.71 12.53 -32.29
C HIS B 81 23.88 13.86 -33.04
N GLU B 82 23.49 14.98 -32.43
CA GLU B 82 23.67 16.27 -33.09
C GLU B 82 25.15 16.59 -33.29
N LEU B 83 25.99 16.27 -32.30
CA LEU B 83 27.43 16.47 -32.48
C LEU B 83 27.99 15.57 -33.57
N GLU B 84 27.48 14.34 -33.67
CA GLU B 84 27.95 13.45 -34.74
C GLU B 84 27.58 14.00 -36.11
N ILE B 85 26.37 14.56 -36.24
CA ILE B 85 25.97 15.17 -37.50
C ILE B 85 26.82 16.40 -37.80
N GLN B 86 27.11 17.20 -36.77
CA GLN B 86 28.00 18.35 -36.97
C GLN B 86 29.40 17.90 -37.39
N SER B 87 29.88 16.80 -36.83
CA SER B 87 31.19 16.28 -37.21
C SER B 87 31.23 15.89 -38.68
N LYS B 88 30.18 15.23 -39.17
CA LYS B 88 30.09 14.90 -40.59
C LYS B 88 30.13 16.15 -41.45
N MET B 89 29.38 17.18 -41.06
CA MET B 89 29.37 18.42 -41.82
C MET B 89 30.75 19.07 -41.83
N SER B 90 31.42 19.11 -40.68
CA SER B 90 32.78 19.65 -40.61
C SER B 90 33.71 18.90 -41.55
N SER B 91 33.67 17.57 -41.51
CA SER B 91 34.53 16.77 -42.38
C SER B 91 34.23 17.02 -43.85
N HIS B 92 32.94 17.12 -44.19
CA HIS B 92 32.55 17.39 -45.57
C HIS B 92 33.11 18.73 -46.05
N GLU B 93 33.07 19.75 -45.20
CA GLU B 93 33.60 21.06 -45.57
C GLU B 93 35.11 21.00 -45.80
N GLU B 94 35.84 20.31 -44.92
CA GLU B 94 37.28 20.16 -45.15
C GLU B 94 37.55 19.38 -46.42
N ALA B 95 36.76 18.33 -46.70
CA ALA B 95 36.93 17.58 -47.93
C ALA B 95 36.75 18.47 -49.15
N LEU B 96 35.65 19.25 -49.17
CA LEU B 96 35.40 20.15 -50.30
C LEU B 96 36.50 21.19 -50.44
N ARG B 97 37.01 21.69 -49.33
CA ARG B 97 38.07 22.69 -49.36
C ARG B 97 39.36 22.11 -49.92
N ARG B 98 39.65 20.84 -49.62
CA ARG B 98 40.87 20.24 -50.13
C ARG B 98 40.73 19.80 -51.60
N LEU B 99 39.51 19.47 -52.03
CA LEU B 99 39.32 19.04 -53.41
C LEU B 99 39.17 20.22 -54.35
N MET B 100 38.61 21.32 -53.88
CA MET B 100 38.32 22.50 -54.74
C MET B 100 39.38 23.56 -54.55
N ASP B 101 40.06 23.47 -53.44
CA ASP B 101 41.20 24.33 -53.05
C ASP B 101 40.67 25.75 -52.82
#